data_4NMW
#
_entry.id   4NMW
#
_cell.length_a   99.059
_cell.length_b   54.211
_cell.length_c   66.769
_cell.angle_alpha   90.00
_cell.angle_beta   126.13
_cell.angle_gamma   90.00
#
_symmetry.space_group_name_H-M   'C 1 2 1'
#
loop_
_entity.id
_entity.type
_entity.pdbx_description
1 polymer 'Pimelyl-[acyl-carrier protein] methyl ester esterase'
2 non-polymer 'CHLORIDE ION'
3 non-polymer DI(HYDROXYETHYL)ETHER
4 water water
#
_entity_poly.entity_id   1
_entity_poly.type   'polypeptide(L)'
_entity_poly.pdbx_seq_one_letter_code
;SNA(MSE)NDIWWQTYGEGNCHLVLLHGWGLNAEVWHCIREELGSHFTLHLVDLPGYGRSSGFGA(MSE)TLEE(MSE)T
AQVAKNAPDQAIWLGWSLGGLVASQ(MSE)ALTHPERVQALVTVASSPCFSAREGWPGIKPEILGGFQQQLSDDFQRTVE
RFLALQTLGTETARQDARTLKSVVLAQP(MSE)PDVEVLNGGLEILKTVDLREALKNVN(MSE)PFLRLYGYLDGLVPRK
IVPLLDTLWPHSTSQI(MSE)AKAAHAPFISHPAAFCQAL(MSE)TLKSSL
;
_entity_poly.pdbx_strand_id   A
#
# COMPACT_ATOMS: atom_id res chain seq x y z
N ASP A 6 -14.82 7.43 -12.92
CA ASP A 6 -14.89 7.55 -11.47
C ASP A 6 -14.03 6.49 -10.80
N ILE A 7 -13.72 6.69 -9.53
CA ILE A 7 -12.89 5.75 -8.83
C ILE A 7 -13.80 4.71 -8.20
N TRP A 8 -13.39 3.45 -8.29
CA TRP A 8 -14.17 2.34 -7.77
C TRP A 8 -13.92 2.21 -6.28
N TRP A 9 -15.00 2.36 -5.51
CA TRP A 9 -15.00 2.14 -4.06
C TRP A 9 -15.99 1.03 -3.71
N GLN A 10 -15.64 0.27 -2.68
N GLN A 10 -15.66 0.23 -2.70
CA GLN A 10 -16.50 -0.79 -2.16
CA GLN A 10 -16.57 -0.82 -2.21
C GLN A 10 -16.58 -0.65 -0.65
C GLN A 10 -16.56 -0.88 -0.69
N THR A 11 -17.74 -0.96 -0.09
CA THR A 11 -17.86 -1.03 1.35
C THR A 11 -18.08 -2.49 1.70
N TYR A 12 -17.41 -2.96 2.74
CA TYR A 12 -17.59 -4.33 3.23
C TYR A 12 -17.56 -4.33 4.75
N GLY A 13 -18.44 -5.11 5.37
CA GLY A 13 -18.39 -5.24 6.82
C GLY A 13 -19.30 -4.27 7.53
N GLU A 14 -19.33 -4.33 8.86
N GLU A 14 -19.36 -4.37 8.85
CA GLU A 14 -20.29 -3.53 9.60
CA GLU A 14 -20.31 -3.57 9.63
C GLU A 14 -19.73 -2.99 10.91
C GLU A 14 -19.73 -3.12 10.97
N GLY A 15 -18.41 -3.07 11.06
CA GLY A 15 -17.76 -2.66 12.30
C GLY A 15 -17.89 -1.18 12.66
N ASN A 16 -17.64 -0.85 13.92
CA ASN A 16 -17.93 0.49 14.44
C ASN A 16 -16.78 1.51 14.23
N CYS A 17 -15.75 1.09 13.50
CA CYS A 17 -14.66 1.97 13.13
C CYS A 17 -14.45 1.81 11.63
N HIS A 18 -14.37 2.92 10.90
CA HIS A 18 -14.13 2.86 9.46
C HIS A 18 -12.67 2.68 9.14
N LEU A 19 -12.39 1.86 8.13
CA LEU A 19 -11.02 1.52 7.76
C LEU A 19 -10.87 1.53 6.24
N VAL A 20 -10.06 2.45 5.72
CA VAL A 20 -9.78 2.49 4.28
C VAL A 20 -8.57 1.61 4.01
N LEU A 21 -8.66 0.76 2.98
CA LEU A 21 -7.57 -0.12 2.59
C LEU A 21 -7.10 0.22 1.19
N LEU A 22 -5.81 0.54 1.05
N LEU A 22 -5.80 0.51 1.04
CA LEU A 22 -5.22 0.92 -0.25
CA LEU A 22 -5.26 0.89 -0.27
C LEU A 22 -4.18 -0.10 -0.68
C LEU A 22 -4.16 -0.05 -0.71
N HIS A 23 -4.39 -0.68 -1.86
CA HIS A 23 -3.46 -1.66 -2.43
C HIS A 23 -2.18 -1.05 -3.02
N GLY A 24 -1.29 -1.93 -3.49
CA GLY A 24 -0.03 -1.50 -4.08
C GLY A 24 -0.01 -1.49 -5.60
N TRP A 25 1.15 -1.15 -6.15
CA TRP A 25 1.29 -1.01 -7.60
C TRP A 25 0.94 -2.27 -8.37
N GLY A 26 0.23 -2.10 -9.50
CA GLY A 26 -0.05 -3.23 -10.39
C GLY A 26 -1.14 -4.16 -9.94
N LEU A 27 -1.79 -3.82 -8.83
CA LEU A 27 -2.80 -4.68 -8.25
C LEU A 27 -4.11 -3.94 -8.11
N ASN A 28 -4.97 -4.40 -7.21
CA ASN A 28 -6.28 -3.78 -7.03
C ASN A 28 -6.82 -4.24 -5.69
N ALA A 29 -8.02 -3.81 -5.34
CA ALA A 29 -8.52 -4.05 -4.00
C ALA A 29 -8.74 -5.53 -3.70
N GLU A 30 -8.74 -6.38 -4.72
CA GLU A 30 -8.97 -7.80 -4.46
C GLU A 30 -7.86 -8.45 -3.65
N VAL A 31 -6.71 -7.79 -3.52
N VAL A 31 -6.73 -7.78 -3.50
CA VAL A 31 -5.63 -8.31 -2.66
CA VAL A 31 -5.65 -8.31 -2.68
C VAL A 31 -6.10 -8.45 -1.22
C VAL A 31 -6.08 -8.43 -1.22
N TRP A 32 -7.12 -7.68 -0.83
CA TRP A 32 -7.61 -7.68 0.56
C TRP A 32 -8.63 -8.79 0.85
N HIS A 33 -8.96 -9.59 -0.17
CA HIS A 33 -10.04 -10.56 -0.02
C HIS A 33 -9.80 -11.49 1.18
N CYS A 34 -8.54 -11.84 1.41
CA CYS A 34 -8.15 -12.83 2.41
C CYS A 34 -8.36 -12.37 3.84
N ILE A 35 -8.51 -11.07 4.05
N ILE A 35 -8.58 -11.07 4.01
CA ILE A 35 -8.69 -10.57 5.42
CA ILE A 35 -8.58 -10.48 5.33
C ILE A 35 -10.05 -9.94 5.67
C ILE A 35 -9.93 -9.83 5.65
N ARG A 36 -10.87 -9.83 4.64
N ARG A 36 -10.82 -9.78 4.65
CA ARG A 36 -12.17 -9.16 4.75
CA ARG A 36 -12.09 -9.08 4.80
C ARG A 36 -13.03 -9.72 5.85
C ARG A 36 -12.99 -9.65 5.90
N GLU A 37 -13.21 -11.03 5.86
N GLU A 37 -13.22 -10.96 5.87
CA GLU A 37 -14.12 -11.67 6.81
CA GLU A 37 -14.17 -11.56 6.80
C GLU A 37 -13.67 -11.45 8.25
C GLU A 37 -13.70 -11.47 8.25
N GLU A 38 -12.39 -11.64 8.50
N GLU A 38 -12.39 -11.58 8.46
CA GLU A 38 -11.85 -11.46 9.85
CA GLU A 38 -11.86 -11.47 9.80
C GLU A 38 -12.06 -10.03 10.32
C GLU A 38 -11.96 -10.04 10.33
N LEU A 39 -11.85 -9.07 9.43
CA LEU A 39 -11.93 -7.65 9.81
C LEU A 39 -13.36 -7.08 9.87
N GLY A 40 -14.30 -7.66 9.13
CA GLY A 40 -15.60 -7.03 8.91
C GLY A 40 -16.50 -6.84 10.12
N SER A 41 -16.29 -7.60 11.17
CA SER A 41 -17.08 -7.33 12.38
C SER A 41 -16.47 -6.20 13.21
N HIS A 42 -15.18 -5.93 13.00
CA HIS A 42 -14.45 -4.93 13.79
C HIS A 42 -14.33 -3.59 13.10
N PHE A 43 -14.38 -3.62 11.77
CA PHE A 43 -14.31 -2.39 10.99
C PHE A 43 -15.36 -2.41 9.90
N THR A 44 -15.79 -1.22 9.47
CA THR A 44 -16.45 -1.10 8.17
C THR A 44 -15.33 -0.78 7.20
N LEU A 45 -15.10 -1.68 6.23
CA LEU A 45 -13.99 -1.52 5.30
C LEU A 45 -14.40 -0.71 4.09
N HIS A 46 -13.49 0.15 3.63
CA HIS A 46 -13.67 0.92 2.42
C HIS A 46 -12.53 0.59 1.51
N LEU A 47 -12.84 -0.20 0.49
CA LEU A 47 -11.82 -0.73 -0.41
C LEU A 47 -11.83 0.10 -1.67
N VAL A 48 -10.67 0.51 -2.15
CA VAL A 48 -10.60 1.36 -3.33
C VAL A 48 -9.61 0.79 -4.34
N ASP A 49 -9.94 0.94 -5.63
CA ASP A 49 -8.93 0.71 -6.67
C ASP A 49 -8.31 2.07 -6.97
N LEU A 50 -6.99 2.19 -6.82
CA LEU A 50 -6.34 3.48 -7.05
C LEU A 50 -6.61 3.92 -8.48
N PRO A 51 -6.66 5.24 -8.72
CA PRO A 51 -7.02 5.72 -10.06
C PRO A 51 -6.07 5.22 -11.14
N GLY A 52 -6.63 4.57 -12.17
CA GLY A 52 -5.85 3.96 -13.24
C GLY A 52 -5.70 2.46 -13.07
N TYR A 53 -5.88 1.98 -11.84
CA TYR A 53 -5.67 0.57 -11.54
C TYR A 53 -6.99 -0.15 -11.43
N GLY A 54 -6.98 -1.47 -11.66
CA GLY A 54 -8.18 -2.28 -11.46
C GLY A 54 -9.40 -1.74 -12.20
N ARG A 55 -10.45 -1.46 -11.45
CA ARG A 55 -11.74 -1.05 -11.98
C ARG A 55 -11.85 0.48 -12.13
N SER A 56 -10.80 1.19 -11.68
CA SER A 56 -10.78 2.66 -11.75
C SER A 56 -10.14 3.12 -13.06
N SER A 57 -10.75 2.75 -14.17
N SER A 57 -10.84 2.85 -14.16
CA SER A 57 -9.98 2.71 -15.43
CA SER A 57 -10.36 3.25 -15.49
C SER A 57 -9.71 4.04 -16.15
C SER A 57 -10.57 4.74 -15.78
N GLY A 58 -10.49 5.08 -15.87
N GLY A 58 -9.93 5.21 -16.85
CA GLY A 58 -10.40 6.33 -16.61
CA GLY A 58 -10.14 6.56 -17.33
C GLY A 58 -9.42 7.39 -16.12
C GLY A 58 -9.14 7.54 -16.77
N PHE A 59 -8.13 7.03 -16.06
CA PHE A 59 -7.07 7.89 -15.53
C PHE A 59 -5.77 7.53 -16.22
N GLY A 60 -4.85 8.49 -16.30
CA GLY A 60 -3.52 8.23 -16.83
C GLY A 60 -2.48 8.37 -15.73
N ALA A 61 -1.26 8.75 -16.11
CA ALA A 61 -0.20 9.00 -15.15
C ALA A 61 -0.55 10.18 -14.25
N THR A 63 0.87 12.33 -10.43
CA THR A 63 1.76 12.41 -9.28
C THR A 63 1.01 11.95 -8.04
N LEU A 64 1.77 11.75 -6.97
CA LEU A 64 1.18 11.36 -5.71
C LEU A 64 0.14 12.40 -5.25
N GLU A 65 0.47 13.68 -5.42
CA GLU A 65 -0.45 14.73 -5.03
C GLU A 65 -1.79 14.65 -5.79
N GLU A 66 -1.70 14.42 -7.10
N GLU A 66 -1.75 14.48 -7.11
CA GLU A 66 -2.87 14.34 -7.97
CA GLU A 66 -3.02 14.40 -7.82
C GLU A 66 -3.70 13.09 -7.64
C GLU A 66 -3.74 13.10 -7.46
N THR A 68 -3.78 11.31 -4.78
CA THR A 68 -4.41 11.36 -3.47
C THR A 68 -5.62 12.26 -3.46
N ALA A 69 -5.55 13.37 -4.18
CA ALA A 69 -6.71 14.27 -4.24
C ALA A 69 -7.91 13.58 -4.86
N GLN A 70 -7.67 12.72 -5.85
N GLN A 70 -7.65 12.70 -5.82
CA GLN A 70 -8.78 11.99 -6.44
CA GLN A 70 -8.71 11.97 -6.50
C GLN A 70 -9.32 10.93 -5.48
C GLN A 70 -9.28 10.85 -5.62
N VAL A 71 -8.41 10.21 -4.83
CA VAL A 71 -8.85 9.20 -3.89
C VAL A 71 -9.68 9.84 -2.78
N ALA A 72 -9.31 11.04 -2.35
CA ALA A 72 -9.99 11.70 -1.23
C ALA A 72 -11.46 12.02 -1.55
N LYS A 73 -11.78 12.20 -2.82
CA LYS A 73 -13.11 12.72 -3.20
C LYS A 73 -14.29 11.92 -2.65
N ASN A 74 -14.24 10.59 -2.80
CA ASN A 74 -15.37 9.77 -2.41
C ASN A 74 -15.01 8.79 -1.35
N ALA A 75 -13.92 9.11 -0.65
CA ALA A 75 -13.49 8.35 0.52
C ALA A 75 -14.46 8.68 1.66
N PRO A 76 -14.49 7.82 2.69
CA PRO A 76 -15.34 8.17 3.84
C PRO A 76 -14.90 9.47 4.51
N ASP A 77 -15.82 10.12 5.21
N ASP A 77 -15.80 10.11 5.26
CA ASP A 77 -15.52 11.35 5.93
CA ASP A 77 -15.44 11.37 5.88
C ASP A 77 -14.34 11.09 6.88
C ASP A 77 -14.48 11.22 7.07
N GLN A 78 -14.50 10.07 7.73
CA GLN A 78 -13.56 9.79 8.81
C GLN A 78 -13.21 8.31 8.82
N ALA A 79 -11.91 7.98 8.90
CA ALA A 79 -11.51 6.57 8.91
C ALA A 79 -10.06 6.45 9.32
N ILE A 80 -9.66 5.26 9.76
CA ILE A 80 -8.25 4.87 9.77
C ILE A 80 -7.87 4.67 8.31
N TRP A 81 -6.67 5.12 7.91
CA TRP A 81 -6.20 4.94 6.53
C TRP A 81 -5.05 4.00 6.54
N LEU A 82 -5.22 2.85 5.87
CA LEU A 82 -4.17 1.84 5.83
C LEU A 82 -3.72 1.63 4.40
N GLY A 83 -2.44 1.84 4.14
CA GLY A 83 -1.92 1.67 2.81
C GLY A 83 -0.79 0.67 2.74
N TRP A 84 -0.87 -0.21 1.75
CA TRP A 84 0.15 -1.22 1.47
C TRP A 84 1.06 -0.75 0.34
N SER A 85 2.36 -0.70 0.61
CA SER A 85 3.39 -0.40 -0.40
C SER A 85 3.08 0.96 -1.07
N LEU A 86 2.83 1.01 -2.39
CA LEU A 86 2.47 2.29 -3.02
C LEU A 86 1.27 2.93 -2.31
N GLY A 87 0.31 2.09 -1.91
CA GLY A 87 -0.87 2.56 -1.17
C GLY A 87 -0.50 3.29 0.12
N GLY A 88 0.64 2.90 0.72
CA GLY A 88 1.13 3.56 1.92
C GLY A 88 1.51 5.02 1.67
N LEU A 89 2.04 5.30 0.48
CA LEU A 89 2.34 6.69 0.11
C LEU A 89 1.05 7.49 -0.03
N VAL A 90 0.03 6.87 -0.64
CA VAL A 90 -1.26 7.57 -0.76
C VAL A 90 -1.89 7.85 0.61
N ALA A 91 -1.90 6.84 1.47
CA ALA A 91 -2.41 7.05 2.84
C ALA A 91 -1.64 8.15 3.56
N SER A 92 -0.31 8.16 3.40
CA SER A 92 0.52 9.16 4.05
C SER A 92 0.19 10.55 3.54
N GLN A 93 0.05 10.68 2.22
CA GLN A 93 -0.28 11.97 1.64
C GLN A 93 -1.67 12.41 2.11
N ALA A 95 -2.99 11.72 5.03
CA ALA A 95 -2.78 12.21 6.41
C ALA A 95 -2.19 13.63 6.41
N LEU A 96 -1.34 13.93 5.43
CA LEU A 96 -0.71 15.24 5.34
C LEU A 96 -1.65 16.31 4.82
N THR A 97 -2.71 15.91 4.13
N THR A 97 -2.66 15.92 4.03
CA THR A 97 -3.55 16.84 3.40
CA THR A 97 -3.56 16.90 3.41
C THR A 97 -4.93 17.05 4.06
C THR A 97 -4.89 17.09 4.17
N HIS A 98 -5.46 15.99 4.66
CA HIS A 98 -6.74 16.02 5.34
C HIS A 98 -6.65 15.34 6.71
N PRO A 99 -5.79 15.87 7.61
CA PRO A 99 -5.59 15.20 8.89
C PRO A 99 -6.86 15.01 9.69
N GLU A 100 -7.80 15.93 9.56
CA GLU A 100 -9.06 15.79 10.31
C GLU A 100 -9.91 14.61 9.83
N ARG A 101 -9.61 14.09 8.64
CA ARG A 101 -10.36 12.97 8.12
C ARG A 101 -9.71 11.63 8.42
N VAL A 102 -8.48 11.70 8.96
CA VAL A 102 -7.69 10.50 9.18
C VAL A 102 -7.53 10.23 10.67
N GLN A 103 -8.22 9.20 11.15
CA GLN A 103 -8.22 8.90 12.59
C GLN A 103 -6.88 8.28 13.01
N ALA A 104 -6.27 7.55 12.10
CA ALA A 104 -4.95 6.98 12.32
C ALA A 104 -4.36 6.67 10.94
N LEU A 105 -3.04 6.71 10.86
CA LEU A 105 -2.33 6.38 9.64
C LEU A 105 -1.63 5.07 9.87
N VAL A 106 -1.88 4.10 8.99
CA VAL A 106 -1.20 2.82 9.06
C VAL A 106 -0.54 2.54 7.73
N THR A 107 0.75 2.24 7.74
CA THR A 107 1.40 1.77 6.54
C THR A 107 1.80 0.32 6.72
N VAL A 108 1.72 -0.45 5.65
N VAL A 108 1.69 -0.46 5.66
CA VAL A 108 2.16 -1.85 5.71
CA VAL A 108 2.14 -1.85 5.71
C VAL A 108 3.10 -2.15 4.57
C VAL A 108 3.12 -2.11 4.57
N ALA A 109 4.30 -2.61 4.91
CA ALA A 109 5.33 -2.94 3.92
C ALA A 109 5.51 -1.79 2.93
N SER A 110 5.71 -0.61 3.52
CA SER A 110 5.83 0.60 2.74
C SER A 110 6.96 1.45 3.28
N SER A 111 7.53 2.27 2.40
CA SER A 111 8.60 3.18 2.77
C SER A 111 8.19 4.60 2.41
N PRO A 112 8.61 5.59 3.20
CA PRO A 112 8.37 6.98 2.78
C PRO A 112 9.23 7.38 1.60
N CYS A 113 10.26 6.59 1.31
CA CYS A 113 11.16 6.90 0.20
C CYS A 113 11.65 5.57 -0.37
N PHE A 114 10.95 5.04 -1.38
CA PHE A 114 11.28 3.70 -1.85
C PHE A 114 12.67 3.59 -2.45
N SER A 115 13.18 4.67 -3.04
N SER A 115 13.18 4.67 -3.03
CA SER A 115 14.49 4.64 -3.68
CA SER A 115 14.51 4.65 -3.62
C SER A 115 15.63 4.82 -2.66
C SER A 115 15.61 4.76 -2.57
N ALA A 116 16.68 4.02 -2.79
CA ALA A 116 17.89 4.20 -2.00
C ALA A 116 18.46 5.60 -2.28
N ARG A 117 18.94 6.26 -1.23
CA ARG A 117 19.56 7.58 -1.31
C ARG A 117 20.71 7.61 -0.31
N GLU A 118 21.42 8.72 -0.23
CA GLU A 118 22.53 8.88 0.70
C GLU A 118 22.12 8.54 2.13
N GLY A 119 22.74 7.52 2.72
CA GLY A 119 22.46 7.10 4.08
C GLY A 119 21.09 6.45 4.26
N TRP A 120 20.43 6.11 3.15
CA TRP A 120 19.05 5.65 3.22
C TRP A 120 18.83 4.36 2.40
N PRO A 121 18.51 3.25 3.07
CA PRO A 121 18.32 1.99 2.36
C PRO A 121 17.06 2.02 1.50
N GLY A 122 17.11 1.36 0.35
CA GLY A 122 15.94 1.25 -0.51
C GLY A 122 16.29 0.51 -1.78
N ILE A 123 15.44 0.68 -2.80
CA ILE A 123 15.67 0.08 -4.12
C ILE A 123 16.50 1.04 -4.95
N LYS A 124 17.53 0.53 -5.63
CA LYS A 124 18.31 1.40 -6.51
C LYS A 124 17.38 2.02 -7.55
N PRO A 125 17.48 3.35 -7.74
CA PRO A 125 16.55 3.98 -8.68
C PRO A 125 16.71 3.45 -10.11
N GLU A 126 17.90 3.01 -10.48
CA GLU A 126 18.09 2.40 -11.80
C GLU A 126 17.29 1.12 -12.00
N ILE A 127 17.04 0.39 -10.92
CA ILE A 127 16.22 -0.80 -10.99
C ILE A 127 14.76 -0.43 -11.31
N LEU A 128 14.24 0.62 -10.66
CA LEU A 128 12.88 1.07 -10.92
C LEU A 128 12.81 1.63 -12.34
N GLY A 129 13.84 2.37 -12.75
CA GLY A 129 13.89 2.87 -14.11
C GLY A 129 13.93 1.76 -15.14
N GLY A 130 14.60 0.66 -14.79
CA GLY A 130 14.63 -0.52 -15.64
C GLY A 130 13.24 -1.12 -15.82
N PHE A 131 12.50 -1.29 -14.71
CA PHE A 131 11.13 -1.74 -14.83
C PHE A 131 10.29 -0.82 -15.73
N GLN A 132 10.45 0.48 -15.57
CA GLN A 132 9.72 1.44 -16.41
C GLN A 132 10.02 1.21 -17.89
N GLN A 133 11.30 1.08 -18.21
CA GLN A 133 11.70 0.94 -19.59
C GLN A 133 11.16 -0.38 -20.17
N GLN A 134 11.16 -1.43 -19.36
N GLN A 134 11.19 -1.40 -19.33
CA GLN A 134 10.74 -2.72 -19.87
CA GLN A 134 10.78 -2.75 -19.70
C GLN A 134 9.23 -2.91 -20.00
C GLN A 134 9.28 -2.89 -19.99
N LEU A 135 8.48 -2.00 -19.39
CA LEU A 135 7.03 -2.00 -19.61
C LEU A 135 6.68 -1.77 -21.09
N SER A 136 7.53 -1.05 -21.81
CA SER A 136 7.25 -0.72 -23.21
C SER A 136 7.21 -1.94 -24.13
N ASP A 137 8.11 -2.89 -23.90
CA ASP A 137 8.20 -4.02 -24.84
C ASP A 137 7.97 -5.39 -24.23
N ASP A 138 7.88 -5.44 -22.91
CA ASP A 138 7.72 -6.72 -22.23
C ASP A 138 6.71 -6.50 -21.12
N PHE A 139 5.63 -5.85 -21.50
CA PHE A 139 4.65 -5.36 -20.57
C PHE A 139 4.20 -6.39 -19.50
N GLN A 140 3.60 -7.49 -19.94
CA GLN A 140 3.05 -8.46 -18.98
C GLN A 140 4.10 -9.12 -18.05
N ARG A 141 5.18 -9.65 -18.60
CA ARG A 141 6.22 -10.27 -17.77
C ARG A 141 6.90 -9.29 -16.79
N THR A 142 7.00 -8.04 -17.20
CA THR A 142 7.64 -7.04 -16.35
C THR A 142 6.79 -6.76 -15.11
N VAL A 143 5.48 -6.62 -15.31
CA VAL A 143 4.61 -6.41 -14.18
C VAL A 143 4.75 -7.60 -13.25
N GLU A 144 4.73 -8.80 -13.83
CA GLU A 144 4.80 -10.00 -13.01
C GLU A 144 6.14 -10.14 -12.30
N ARG A 145 7.22 -9.69 -12.94
N ARG A 145 7.21 -9.70 -12.95
CA ARG A 145 8.57 -9.71 -12.36
CA ARG A 145 8.55 -9.69 -12.38
C ARG A 145 8.74 -8.77 -11.16
C ARG A 145 8.60 -8.83 -11.12
N PHE A 146 8.10 -7.60 -11.22
CA PHE A 146 8.08 -6.71 -10.07
C PHE A 146 7.29 -7.35 -8.91
N LEU A 147 6.15 -7.96 -9.22
CA LEU A 147 5.31 -8.56 -8.16
C LEU A 147 5.96 -9.77 -7.56
N ALA A 148 6.73 -10.49 -8.37
CA ALA A 148 7.40 -11.71 -7.92
C ALA A 148 8.45 -11.41 -6.85
N LEU A 149 8.90 -10.18 -6.77
CA LEU A 149 9.87 -9.81 -5.73
C LEU A 149 9.25 -9.75 -4.33
N GLN A 150 7.92 -9.65 -4.28
CA GLN A 150 7.26 -9.30 -3.02
C GLN A 150 6.95 -10.47 -2.05
N THR A 151 7.20 -11.70 -2.49
CA THR A 151 6.79 -12.84 -1.68
C THR A 151 7.95 -13.75 -1.31
N LEU A 152 9.15 -13.38 -1.76
CA LEU A 152 10.35 -14.22 -1.59
C LEU A 152 10.72 -14.53 -0.14
N GLY A 153 11.29 -15.70 0.07
CA GLY A 153 11.88 -16.06 1.35
C GLY A 153 10.91 -16.50 2.44
N THR A 154 9.61 -16.38 2.18
CA THR A 154 8.63 -16.78 3.18
C THR A 154 8.24 -18.25 3.12
N GLU A 155 7.62 -18.70 4.21
CA GLU A 155 7.11 -20.06 4.34
C GLU A 155 6.09 -20.35 3.22
N THR A 156 5.38 -19.30 2.80
CA THR A 156 4.30 -19.46 1.85
C THR A 156 4.55 -18.73 0.54
N ALA A 157 5.83 -18.54 0.20
CA ALA A 157 6.21 -17.78 -1.00
C ALA A 157 5.48 -18.18 -2.27
N ARG A 158 5.53 -19.47 -2.61
CA ARG A 158 4.90 -19.97 -3.83
C ARG A 158 3.40 -19.68 -3.90
N GLN A 159 2.67 -20.04 -2.84
CA GLN A 159 1.24 -19.79 -2.76
C GLN A 159 0.93 -18.31 -2.83
N ASP A 160 1.73 -17.50 -2.15
CA ASP A 160 1.45 -16.07 -2.07
C ASP A 160 1.74 -15.34 -3.39
N ALA A 161 2.78 -15.77 -4.11
CA ALA A 161 3.05 -15.23 -5.44
C ALA A 161 1.91 -15.56 -6.40
N ARG A 162 1.38 -16.77 -6.28
CA ARG A 162 0.23 -17.18 -7.07
C ARG A 162 -0.97 -16.33 -6.73
N THR A 163 -1.16 -16.03 -5.46
CA THR A 163 -2.27 -15.17 -5.04
C THR A 163 -2.21 -13.82 -5.72
N LEU A 164 -1.04 -13.18 -5.69
CA LEU A 164 -0.92 -11.87 -6.33
C LEU A 164 -1.07 -11.96 -7.85
N LYS A 165 -0.46 -12.98 -8.46
CA LYS A 165 -0.58 -13.10 -9.91
C LYS A 165 -2.05 -13.30 -10.30
N SER A 166 -2.78 -14.08 -9.51
N SER A 166 -2.78 -14.08 -9.50
CA SER A 166 -4.20 -14.28 -9.80
CA SER A 166 -4.20 -14.29 -9.77
C SER A 166 -4.99 -12.97 -9.76
C SER A 166 -5.01 -12.99 -9.73
N VAL A 167 -4.62 -12.09 -8.83
CA VAL A 167 -5.29 -10.81 -8.72
C VAL A 167 -5.04 -10.00 -9.99
N VAL A 168 -3.81 -10.02 -10.47
N VAL A 168 -3.81 -10.00 -10.50
CA VAL A 168 -3.48 -9.27 -11.67
CA VAL A 168 -3.54 -9.20 -11.70
C VAL A 168 -4.28 -9.77 -12.86
C VAL A 168 -4.16 -9.77 -12.96
N LEU A 169 -4.30 -11.09 -13.02
CA LEU A 169 -4.87 -11.70 -14.21
C LEU A 169 -6.38 -11.68 -14.24
N ALA A 170 -7.01 -11.43 -13.11
CA ALA A 170 -8.47 -11.46 -13.03
C ALA A 170 -9.13 -10.20 -13.57
N GLN A 171 -8.34 -9.17 -13.86
CA GLN A 171 -8.88 -7.94 -14.42
C GLN A 171 -8.02 -7.50 -15.59
N PRO A 172 -8.59 -6.72 -16.51
CA PRO A 172 -7.76 -6.16 -17.59
C PRO A 172 -6.56 -5.37 -17.07
N PRO A 174 -3.97 -2.40 -16.63
CA PRO A 174 -3.97 -0.95 -16.79
C PRO A 174 -3.07 -0.55 -17.91
N ASP A 175 -3.28 0.67 -18.38
N ASP A 175 -3.29 0.64 -18.45
CA ASP A 175 -2.47 1.30 -19.42
CA ASP A 175 -2.44 1.05 -19.55
C ASP A 175 -1.00 1.41 -18.99
C ASP A 175 -1.03 1.31 -19.03
N VAL A 176 -0.09 1.28 -19.95
CA VAL A 176 1.32 1.44 -19.65
C VAL A 176 1.63 2.79 -18.98
N GLU A 177 0.92 3.83 -19.41
N GLU A 177 0.94 3.85 -19.38
CA GLU A 177 1.07 5.17 -18.87
CA GLU A 177 1.25 5.14 -18.77
C GLU A 177 0.85 5.15 -17.35
C GLU A 177 0.83 5.22 -17.30
N VAL A 178 -0.23 4.50 -16.94
CA VAL A 178 -0.58 4.38 -15.53
C VAL A 178 0.54 3.62 -14.76
N LEU A 179 0.95 2.47 -15.27
CA LEU A 179 1.96 1.69 -14.58
C LEU A 179 3.31 2.39 -14.51
N ASN A 180 3.69 3.05 -15.60
CA ASN A 180 4.94 3.78 -15.61
C ASN A 180 4.89 4.93 -14.60
N GLY A 181 3.75 5.62 -14.55
CA GLY A 181 3.57 6.70 -13.61
C GLY A 181 3.64 6.26 -12.16
N GLY A 182 3.11 5.08 -11.88
CA GLY A 182 3.17 4.54 -10.53
C GLY A 182 4.58 4.23 -10.09
N LEU A 183 5.37 3.63 -10.98
CA LEU A 183 6.78 3.42 -10.67
C LEU A 183 7.51 4.76 -10.46
N GLU A 184 7.10 5.79 -11.18
CA GLU A 184 7.73 7.09 -11.03
C GLU A 184 7.44 7.66 -9.64
N ILE A 185 6.23 7.45 -9.12
CA ILE A 185 5.94 7.83 -7.72
C ILE A 185 6.88 7.11 -6.76
N LEU A 186 7.00 5.80 -6.92
CA LEU A 186 7.93 5.06 -6.05
C LEU A 186 9.36 5.60 -6.14
N LYS A 187 9.81 5.83 -7.37
CA LYS A 187 11.19 6.20 -7.62
C LYS A 187 11.55 7.61 -7.10
N THR A 188 10.58 8.51 -7.13
CA THR A 188 10.87 9.92 -6.86
C THR A 188 10.36 10.52 -5.52
N VAL A 189 9.31 9.94 -4.94
CA VAL A 189 8.73 10.53 -3.74
C VAL A 189 9.58 10.27 -2.49
N ASP A 190 9.74 11.30 -1.67
CA ASP A 190 10.43 11.15 -0.39
C ASP A 190 9.67 11.93 0.69
N LEU A 191 8.87 11.21 1.47
CA LEU A 191 8.04 11.82 2.50
C LEU A 191 8.68 11.82 3.89
N ARG A 192 9.98 11.53 3.97
CA ARG A 192 10.64 11.43 5.28
C ARG A 192 10.48 12.70 6.13
N GLU A 193 10.72 13.86 5.53
N GLU A 193 10.72 13.86 5.52
CA GLU A 193 10.64 15.10 6.30
CA GLU A 193 10.64 15.11 6.25
C GLU A 193 9.18 15.50 6.59
C GLU A 193 9.19 15.46 6.58
N ALA A 194 8.31 15.37 5.59
CA ALA A 194 6.92 15.78 5.75
C ALA A 194 6.23 15.01 6.86
N LEU A 195 6.50 13.71 6.92
CA LEU A 195 5.79 12.88 7.89
C LEU A 195 6.20 13.11 9.35
N LYS A 196 7.26 13.88 9.59
CA LYS A 196 7.62 14.23 10.96
C LYS A 196 6.49 14.97 11.64
N ASN A 197 5.63 15.59 10.83
CA ASN A 197 4.66 16.52 11.37
C ASN A 197 3.25 15.98 11.52
N VAL A 198 3.02 14.72 11.17
CA VAL A 198 1.68 14.18 11.41
C VAL A 198 1.53 13.86 12.89
N ASN A 199 0.35 14.14 13.42
N ASN A 199 0.39 14.21 13.47
CA ASN A 199 0.13 14.05 14.86
CA ASN A 199 0.20 14.09 14.91
C ASN A 199 -0.92 13.02 15.28
C ASN A 199 -1.00 13.26 15.34
N PRO A 201 -2.38 9.07 15.50
CA PRO A 201 -1.64 7.81 15.65
C PRO A 201 -1.11 7.30 14.30
N PHE A 202 0.13 6.85 14.32
CA PHE A 202 0.86 6.49 13.09
C PHE A 202 1.59 5.20 13.38
N LEU A 203 1.04 4.11 12.84
CA LEU A 203 1.54 2.75 13.04
C LEU A 203 2.14 2.23 11.74
N ARG A 204 3.37 1.74 11.80
CA ARG A 204 4.08 1.26 10.62
C ARG A 204 4.35 -0.25 10.78
N LEU A 205 3.81 -1.05 9.88
CA LEU A 205 3.98 -2.50 9.90
C LEU A 205 4.94 -2.91 8.79
N TYR A 206 5.81 -3.85 9.10
CA TYR A 206 6.83 -4.31 8.15
C TYR A 206 6.98 -5.83 8.16
N GLY A 207 7.46 -6.38 7.05
CA GLY A 207 7.87 -7.78 7.01
C GLY A 207 9.38 -7.86 7.13
N TYR A 208 9.86 -8.73 8.03
CA TYR A 208 11.29 -8.88 8.23
C TYR A 208 12.00 -9.23 6.92
N LEU A 209 11.37 -10.07 6.10
CA LEU A 209 12.01 -10.58 4.88
C LEU A 209 11.73 -9.79 3.62
N ASP A 210 11.08 -8.64 3.78
CA ASP A 210 10.69 -7.81 2.62
C ASP A 210 11.90 -7.42 1.79
N GLY A 211 11.89 -7.77 0.50
CA GLY A 211 13.01 -7.46 -0.37
C GLY A 211 12.88 -6.13 -1.10
N LEU A 212 11.76 -5.44 -0.93
CA LEU A 212 11.57 -4.12 -1.54
C LEU A 212 11.75 -3.00 -0.53
N VAL A 213 11.27 -3.23 0.68
CA VAL A 213 11.32 -2.25 1.75
C VAL A 213 12.21 -2.88 2.81
N PRO A 214 13.47 -2.44 2.88
CA PRO A 214 14.44 -3.10 3.76
C PRO A 214 14.16 -2.87 5.24
N ARG A 215 14.23 -3.93 6.05
CA ARG A 215 13.91 -3.80 7.46
C ARG A 215 14.83 -2.81 8.18
N LYS A 216 15.99 -2.54 7.60
CA LYS A 216 16.90 -1.54 8.15
C LYS A 216 16.23 -0.15 8.31
N ILE A 217 15.21 0.17 7.52
CA ILE A 217 14.60 1.48 7.67
C ILE A 217 13.80 1.62 8.96
N VAL A 218 13.45 0.50 9.58
CA VAL A 218 12.54 0.57 10.73
C VAL A 218 13.12 1.35 11.92
N PRO A 219 14.34 1.00 12.40
CA PRO A 219 14.91 1.83 13.47
C PRO A 219 15.26 3.26 13.01
N LEU A 220 15.62 3.44 11.74
CA LEU A 220 15.89 4.79 11.27
C LEU A 220 14.65 5.66 11.42
N LEU A 221 13.50 5.11 11.05
CA LEU A 221 12.25 5.85 11.12
C LEU A 221 11.68 5.93 12.55
N ASP A 222 11.93 4.91 13.38
CA ASP A 222 11.53 5.03 14.80
C ASP A 222 12.17 6.29 15.39
N THR A 223 13.38 6.61 14.93
CA THR A 223 14.10 7.77 15.45
C THR A 223 13.70 9.04 14.73
N LEU A 224 13.57 9.00 13.40
CA LEU A 224 13.17 10.18 12.65
C LEU A 224 11.73 10.63 12.93
N TRP A 225 10.86 9.66 13.24
CA TRP A 225 9.45 9.94 13.47
C TRP A 225 9.10 9.50 14.89
N PRO A 226 9.53 10.27 15.90
CA PRO A 226 9.38 9.81 17.29
C PRO A 226 7.93 9.59 17.72
N HIS A 227 6.97 10.25 17.07
N HIS A 227 7.00 10.24 17.02
CA HIS A 227 5.57 10.10 17.48
CA HIS A 227 5.59 10.16 17.38
C HIS A 227 4.96 8.80 16.92
C HIS A 227 4.89 8.94 16.75
N SER A 228 5.64 8.19 15.95
CA SER A 228 5.12 6.97 15.32
C SER A 228 5.52 5.73 16.10
N THR A 229 4.92 4.60 15.76
CA THR A 229 5.39 3.32 16.27
C THR A 229 5.48 2.28 15.17
N SER A 230 6.14 1.17 15.45
CA SER A 230 6.38 0.17 14.42
C SER A 230 6.25 -1.25 14.95
N GLN A 231 6.01 -2.16 14.03
CA GLN A 231 6.01 -3.59 14.34
C GLN A 231 6.57 -4.34 13.14
N ILE A 232 7.56 -5.20 13.39
CA ILE A 232 8.14 -6.08 12.37
C ILE A 232 7.63 -7.49 12.56
N ALA A 234 8.11 -11.21 11.92
CA ALA A 234 9.36 -11.95 11.73
C ALA A 234 9.49 -12.82 10.49
N LYS A 235 8.39 -13.45 10.09
CA LYS A 235 8.46 -14.44 9.02
C LYS A 235 7.73 -13.97 7.77
N ALA A 236 7.37 -12.69 7.74
CA ALA A 236 6.65 -12.15 6.59
C ALA A 236 7.61 -11.41 5.67
N ALA A 237 7.25 -11.35 4.38
CA ALA A 237 7.99 -10.55 3.43
C ALA A 237 7.19 -9.28 3.11
N HIS A 238 6.97 -9.01 1.83
CA HIS A 238 6.37 -7.73 1.41
C HIS A 238 4.84 -7.71 1.47
N ALA A 239 4.22 -8.86 1.76
CA ALA A 239 2.76 -8.91 1.84
C ALA A 239 2.31 -9.56 3.14
N PRO A 240 2.56 -8.89 4.28
CA PRO A 240 2.33 -9.55 5.57
C PRO A 240 0.86 -9.91 5.84
N PHE A 241 -0.09 -9.18 5.27
CA PHE A 241 -1.49 -9.52 5.46
C PHE A 241 -1.91 -10.78 4.69
N ILE A 242 -1.11 -11.18 3.68
CA ILE A 242 -1.38 -12.42 2.96
C ILE A 242 -0.68 -13.58 3.64
N SER A 243 0.60 -13.39 4.00
CA SER A 243 1.35 -14.49 4.61
C SER A 243 1.00 -14.70 6.08
N HIS A 244 0.63 -13.61 6.77
CA HIS A 244 0.36 -13.66 8.21
C HIS A 244 -0.87 -12.87 8.59
N PRO A 245 -2.03 -13.30 8.07
CA PRO A 245 -3.25 -12.53 8.29
C PRO A 245 -3.62 -12.41 9.77
N ALA A 246 -3.37 -13.44 10.58
CA ALA A 246 -3.74 -13.38 11.99
C ALA A 246 -2.99 -12.29 12.77
N ALA A 247 -1.67 -12.22 12.57
CA ALA A 247 -0.85 -11.22 13.23
C ALA A 247 -1.19 -9.82 12.72
N PHE A 248 -1.48 -9.74 11.42
CA PHE A 248 -1.87 -8.48 10.82
C PHE A 248 -3.15 -7.95 11.45
N CYS A 249 -4.16 -8.81 11.55
CA CYS A 249 -5.44 -8.38 12.12
C CYS A 249 -5.28 -8.00 13.60
N GLN A 250 -4.45 -8.75 14.33
CA GLN A 250 -4.21 -8.43 15.74
C GLN A 250 -3.61 -7.03 15.93
N ALA A 251 -2.67 -6.64 15.07
CA ALA A 251 -2.11 -5.30 15.12
C ALA A 251 -3.21 -4.26 14.96
N LEU A 252 -4.17 -4.53 14.08
CA LEU A 252 -5.25 -3.56 13.88
C LEU A 252 -6.23 -3.49 15.06
N THR A 254 -5.38 -4.00 18.20
CA THR A 254 -4.67 -3.30 19.25
C THR A 254 -4.74 -1.80 18.95
N LEU A 255 -4.56 -1.44 17.69
CA LEU A 255 -4.67 -0.03 17.30
C LEU A 255 -6.07 0.49 17.61
N LYS A 256 -7.09 -0.25 17.19
CA LYS A 256 -8.47 0.20 17.36
C LYS A 256 -8.78 0.52 18.83
N SER A 257 -8.35 -0.38 19.71
N SER A 257 -8.35 -0.37 19.72
CA SER A 257 -8.60 -0.23 21.14
CA SER A 257 -8.64 -0.20 21.14
C SER A 257 -7.91 1.00 21.73
C SER A 257 -7.86 0.96 21.78
N SER A 258 -6.81 1.41 21.09
CA SER A 258 -5.95 2.49 21.60
C SER A 258 -6.35 3.89 21.15
N LEU A 259 -7.39 4.00 20.34
CA LEU A 259 -7.74 5.30 19.78
C LEU A 259 -8.29 6.28 20.81
#